data_3DYB
#
_entry.id   3DYB
#
_cell.length_a   67.720
_cell.length_b   67.720
_cell.length_c   101.890
_cell.angle_alpha   90.00
_cell.angle_beta   90.00
_cell.angle_gamma   90.00
#
_symmetry.space_group_name_H-M   'P 43 21 2'
#
loop_
_entity.id
_entity.type
_entity.pdbx_description
1 polymer 'Proteinase K'
2 branched 'alpha-D-galactopyranuronic acid-(1-4)-alpha-D-galactopyranuronic acid'
3 non-polymer 'CALCIUM ION'
4 non-polymer '4-(2-HYDROXYETHYL)-1-PIPERAZINE ETHANESULFONIC ACID'
5 water water
#
_entity_poly.entity_id   1
_entity_poly.type   'polypeptide(L)'
_entity_poly.pdbx_seq_one_letter_code
;AAQTNAPWGLARISSTSPGTSTYYYDESAGQGSCVYVIDTGIEASHPEFEGRAQMVKTYYYSSRDGNGHGTHCAGTVGSR
TYGVAKKTQLFGVKVLDDNGSGQYSTIIAGMDFVASDKNNRNCPKGVVASLSLGGGYSSSVNSAAARLQSSGVMVAVAAG
NNNADARNYSPASEPSVCTVGASDRYDRRSSFSNYGSVLDIFGPGTDILSTWIGGSTRSISGTSMATPHVAGLAAYLMTL
GKTTAASACRYIADTANKGDLSNIPFGTVNLLAYNNYQA
;
_entity_poly.pdbx_strand_id   A
#
# COMPACT_ATOMS: atom_id res chain seq x y z
N ALA A 1 -21.25 -3.09 1.44
CA ALA A 1 -21.25 -1.61 1.65
C ALA A 1 -20.89 -0.87 0.39
N ALA A 2 -21.31 0.40 0.35
CA ALA A 2 -21.12 1.25 -0.82
C ALA A 2 -20.76 2.64 -0.32
N GLN A 3 -19.70 3.19 -0.89
CA GLN A 3 -19.33 4.55 -0.59
C GLN A 3 -19.46 5.33 -1.88
N THR A 4 -20.41 6.28 -1.89
CA THR A 4 -20.64 7.04 -3.10
CA THR A 4 -20.68 7.07 -3.06
C THR A 4 -19.60 8.16 -3.24
N ASN A 5 -19.41 8.58 -4.49
CA ASN A 5 -18.46 9.65 -4.80
CA ASN A 5 -18.50 9.69 -4.74
C ASN A 5 -17.11 9.45 -4.09
N ALA A 6 -16.63 8.22 -4.16
CA ALA A 6 -15.32 7.85 -3.60
C ALA A 6 -14.18 8.31 -4.51
N PRO A 7 -12.95 8.31 -3.97
CA PRO A 7 -11.84 8.52 -4.88
C PRO A 7 -11.81 7.48 -6.00
N TRP A 8 -11.36 7.87 -7.19
CA TRP A 8 -11.48 6.98 -8.33
C TRP A 8 -10.79 5.65 -8.05
N GLY A 9 -9.68 5.70 -7.30
CA GLY A 9 -8.91 4.48 -7.11
C GLY A 9 -9.65 3.47 -6.25
N LEU A 10 -10.41 3.96 -5.28
CA LEU A 10 -11.16 3.03 -4.48
C LEU A 10 -12.27 2.41 -5.36
N ALA A 11 -12.94 3.23 -6.16
CA ALA A 11 -13.93 2.67 -7.07
C ALA A 11 -13.29 1.63 -7.97
N ARG A 12 -12.10 1.95 -8.45
CA ARG A 12 -11.48 1.09 -9.45
C ARG A 12 -11.16 -0.26 -8.87
N ILE A 13 -10.69 -0.33 -7.63
CA ILE A 13 -10.31 -1.64 -7.15
C ILE A 13 -11.52 -2.48 -6.75
N SER A 14 -12.73 -1.93 -6.80
CA SER A 14 -13.94 -2.75 -6.61
C SER A 14 -14.78 -2.84 -7.89
N SER A 15 -14.15 -2.56 -9.03
CA SER A 15 -14.84 -2.58 -10.29
CA SER A 15 -14.85 -2.55 -10.31
C SER A 15 -14.17 -3.44 -11.34
N THR A 16 -14.99 -4.09 -12.18
CA THR A 16 -14.49 -4.75 -13.37
C THR A 16 -14.23 -3.77 -14.54
N SER A 17 -14.64 -2.51 -14.40
CA SER A 17 -14.45 -1.53 -15.48
C SER A 17 -14.02 -0.19 -14.90
N PRO A 18 -13.28 0.59 -15.68
CA PRO A 18 -12.92 1.92 -15.27
C PRO A 18 -14.14 2.81 -15.42
N GLY A 19 -14.09 3.99 -14.85
CA GLY A 19 -15.08 5.02 -15.13
C GLY A 19 -16.25 5.08 -14.18
N THR A 20 -16.14 4.44 -13.03
CA THR A 20 -17.20 4.51 -12.03
C THR A 20 -16.65 5.18 -10.75
N SER A 21 -17.54 5.58 -9.85
CA SER A 21 -17.14 6.43 -8.73
C SER A 21 -17.66 5.94 -7.40
N THR A 22 -18.23 4.74 -7.36
CA THR A 22 -18.70 4.17 -6.09
C THR A 22 -17.78 3.01 -5.67
N TYR A 23 -17.36 3.01 -4.41
CA TYR A 23 -16.52 1.97 -3.86
C TYR A 23 -17.39 0.95 -3.15
N TYR A 24 -17.28 -0.32 -3.53
CA TYR A 24 -18.06 -1.39 -2.92
C TYR A 24 -17.15 -2.35 -2.16
N TYR A 25 -17.55 -2.67 -0.94
CA TYR A 25 -16.70 -3.45 -0.07
C TYR A 25 -17.52 -4.10 1.05
N ASP A 26 -17.11 -5.30 1.49
CA ASP A 26 -17.67 -5.89 2.70
C ASP A 26 -17.43 -4.99 3.91
N GLU A 27 -18.46 -4.83 4.74
CA GLU A 27 -18.43 -3.84 5.82
C GLU A 27 -17.42 -4.21 6.88
N SER A 28 -16.96 -5.47 6.87
CA SER A 28 -15.92 -5.87 7.82
C SER A 28 -14.70 -4.95 7.73
N ALA A 29 -14.40 -4.54 6.51
CA ALA A 29 -13.52 -3.39 6.29
C ALA A 29 -12.15 -3.51 6.94
N GLY A 30 -11.61 -4.73 6.99
CA GLY A 30 -10.29 -4.89 7.55
C GLY A 30 -10.24 -4.88 9.07
N GLN A 31 -11.38 -4.95 9.74
CA GLN A 31 -11.37 -4.98 11.20
CA GLN A 31 -11.37 -4.96 11.20
C GLN A 31 -10.57 -6.18 11.70
N GLY A 32 -9.74 -5.98 12.71
CA GLY A 32 -9.01 -7.09 13.27
C GLY A 32 -7.66 -7.34 12.61
N SER A 33 -7.41 -6.60 11.54
CA SER A 33 -6.10 -6.60 10.89
C SER A 33 -5.28 -5.36 11.28
N CYS A 34 -4.02 -5.38 10.89
CA CYS A 34 -3.10 -4.29 11.19
C CYS A 34 -2.28 -3.98 9.96
N VAL A 35 -2.06 -2.70 9.70
CA VAL A 35 -1.15 -2.30 8.63
C VAL A 35 -0.12 -1.31 9.15
N TYR A 36 1.15 -1.67 8.95
CA TYR A 36 2.26 -0.79 9.29
C TYR A 36 2.56 0.00 8.05
N VAL A 37 2.66 1.33 8.21
CA VAL A 37 3.06 2.22 7.12
C VAL A 37 4.45 2.77 7.47
N ILE A 38 5.43 2.29 6.70
CA ILE A 38 6.82 2.55 6.98
C ILE A 38 7.24 3.67 6.05
N ASP A 39 7.37 4.88 6.61
CA ASP A 39 7.40 6.05 5.74
C ASP A 39 7.87 7.27 6.57
N THR A 40 7.28 8.44 6.31
CA THR A 40 7.65 9.65 7.05
C THR A 40 6.87 9.84 8.35
N GLY A 41 6.05 8.85 8.71
CA GLY A 41 5.16 9.00 9.84
C GLY A 41 3.71 9.00 9.48
N ILE A 42 2.86 9.21 10.48
CA ILE A 42 1.44 9.39 10.24
C ILE A 42 0.91 10.42 11.22
N GLU A 43 0.14 11.36 10.69
CA GLU A 43 -0.57 12.31 11.55
C GLU A 43 -1.80 11.62 12.15
N ALA A 44 -1.55 10.91 13.24
CA ALA A 44 -2.56 10.06 13.86
C ALA A 44 -3.77 10.84 14.31
N SER A 45 -3.58 12.12 14.63
CA SER A 45 -4.68 12.93 15.13
C SER A 45 -5.67 13.34 14.05
N HIS A 46 -5.36 13.06 12.81
CA HIS A 46 -6.26 13.45 11.70
C HIS A 46 -7.63 12.80 11.91
N PRO A 47 -8.70 13.59 11.81
CA PRO A 47 -10.04 13.04 12.04
C PRO A 47 -10.32 11.82 11.17
N GLU A 48 -9.68 11.78 10.02
CA GLU A 48 -9.97 10.68 9.09
C GLU A 48 -9.54 9.33 9.61
N PHE A 49 -8.65 9.32 10.60
CA PHE A 49 -8.17 8.02 11.15
C PHE A 49 -9.00 7.50 12.34
N GLU A 50 -9.79 8.39 12.95
CA GLU A 50 -10.78 7.97 13.93
C GLU A 50 -10.19 7.25 15.15
N GLY A 51 -8.93 7.55 15.46
CA GLY A 51 -8.28 6.94 16.61
C GLY A 51 -7.64 5.59 16.28
N ARG A 52 -7.77 5.17 15.03
CA ARG A 52 -7.26 3.86 14.61
C ARG A 52 -5.79 3.88 14.19
N ALA A 53 -5.18 5.06 14.18
CA ALA A 53 -3.76 5.21 13.79
C ALA A 53 -2.93 5.55 15.01
N GLN A 54 -1.72 5.02 15.03
CA GLN A 54 -0.79 5.44 16.05
C GLN A 54 0.64 5.27 15.58
N MET A 55 1.48 6.17 16.06
CA MET A 55 2.91 6.05 15.81
C MET A 55 3.45 5.05 16.83
N VAL A 56 4.30 4.11 16.39
CA VAL A 56 4.88 3.13 17.30
C VAL A 56 6.41 3.19 17.24
N LYS A 57 6.99 3.87 16.25
CA LYS A 57 8.46 3.94 16.14
C LYS A 57 8.92 5.12 15.31
N THR A 58 9.98 5.78 15.76
CA THR A 58 10.66 6.76 14.93
C THR A 58 12.15 6.65 15.15
N TYR A 59 12.92 7.03 14.11
CA TYR A 59 14.39 7.03 14.18
C TYR A 59 14.95 8.44 14.18
N TYR A 60 14.06 9.40 14.33
CA TYR A 60 14.41 10.83 14.29
C TYR A 60 13.96 11.52 15.60
N TYR A 61 14.24 12.82 15.71
CA TYR A 61 13.95 13.51 16.95
C TYR A 61 12.45 13.51 17.29
N SER A 62 11.61 13.28 16.29
CA SER A 62 10.15 13.29 16.52
C SER A 62 9.52 12.20 15.73
N SER A 63 8.33 11.78 16.20
CA SER A 63 7.54 10.79 15.48
CA SER A 63 7.50 10.79 15.52
C SER A 63 6.52 11.46 14.57
N ARG A 64 6.48 12.79 14.59
CA ARG A 64 5.51 13.55 13.80
C ARG A 64 5.82 13.46 12.33
N ASP A 65 4.77 13.33 11.49
CA ASP A 65 4.92 13.44 10.04
C ASP A 65 4.96 14.91 9.66
N GLY A 66 6.18 15.41 9.45
CA GLY A 66 6.38 16.79 9.00
C GLY A 66 6.43 16.91 7.49
N ASN A 67 6.15 15.82 6.79
CA ASN A 67 6.24 15.84 5.34
C ASN A 67 4.86 15.74 4.66
N GLY A 68 4.10 14.71 5.02
CA GLY A 68 2.78 14.51 4.43
C GLY A 68 2.66 13.15 3.75
N HIS A 69 3.77 12.68 3.18
CA HIS A 69 3.73 11.44 2.37
C HIS A 69 3.21 10.22 3.16
N GLY A 70 3.77 9.98 4.32
CA GLY A 70 3.33 8.86 5.15
C GLY A 70 1.86 8.96 5.52
N THR A 71 1.40 10.18 5.76
CA THR A 71 0.01 10.38 6.14
C THR A 71 -0.89 10.08 4.95
N HIS A 72 -0.47 10.52 3.78
CA HIS A 72 -1.22 10.25 2.55
C HIS A 72 -1.32 8.74 2.33
N CYS A 73 -0.19 8.05 2.41
CA CYS A 73 -0.20 6.62 2.20
C CYS A 73 -1.12 5.92 3.22
N ALA A 74 -0.96 6.24 4.49
CA ALA A 74 -1.82 5.65 5.53
C ALA A 74 -3.26 5.92 5.19
N GLY A 75 -3.54 7.10 4.64
CA GLY A 75 -4.93 7.43 4.37
C GLY A 75 -5.53 6.51 3.31
N THR A 76 -4.71 6.16 2.32
CA THR A 76 -5.17 5.22 1.30
C THR A 76 -5.34 3.79 1.83
N VAL A 77 -4.51 3.42 2.79
CA VAL A 77 -4.69 2.13 3.43
C VAL A 77 -6.02 2.09 4.19
N GLY A 78 -6.24 3.09 5.06
CA GLY A 78 -7.22 2.94 6.13
C GLY A 78 -8.00 4.14 6.62
N SER A 79 -7.91 5.29 5.97
CA SER A 79 -8.74 6.42 6.39
C SER A 79 -10.20 6.13 6.13
N ARG A 80 -11.08 6.84 6.84
CA ARG A 80 -12.49 6.55 6.69
C ARG A 80 -12.99 6.85 5.28
N THR A 81 -12.60 8.02 4.76
CA THR A 81 -13.10 8.43 3.44
C THR A 81 -12.21 7.93 2.29
N TYR A 82 -10.90 7.91 2.51
CA TYR A 82 -10.00 7.73 1.41
C TYR A 82 -9.35 6.36 1.42
N GLY A 83 -9.72 5.53 2.40
CA GLY A 83 -9.07 4.24 2.63
C GLY A 83 -9.77 3.01 2.07
N VAL A 84 -8.95 2.01 1.71
CA VAL A 84 -9.45 0.69 1.30
C VAL A 84 -10.03 -0.13 2.45
N ALA A 85 -9.36 -0.11 3.59
CA ALA A 85 -9.68 -0.98 4.72
C ALA A 85 -10.02 -0.04 5.88
N LYS A 86 -11.28 0.38 5.91
CA LYS A 86 -11.70 1.51 6.71
C LYS A 86 -11.75 1.23 8.21
N LYS A 87 -11.54 -0.03 8.59
CA LYS A 87 -11.55 -0.41 10.01
CA LYS A 87 -11.53 -0.36 10.02
C LYS A 87 -10.25 -1.05 10.48
N THR A 88 -9.19 -0.97 9.67
CA THR A 88 -7.92 -1.57 10.08
C THR A 88 -7.25 -0.69 11.11
N GLN A 89 -6.31 -1.28 11.86
CA GLN A 89 -5.45 -0.53 12.76
CA GLN A 89 -5.46 -0.53 12.76
C GLN A 89 -4.19 -0.17 12.01
N LEU A 90 -3.82 1.11 12.08
CA LEU A 90 -2.65 1.63 11.34
C LEU A 90 -1.52 1.91 12.35
N PHE A 91 -0.32 1.46 12.03
CA PHE A 91 0.86 1.72 12.87
C PHE A 91 1.90 2.43 12.05
N GLY A 92 2.42 3.51 12.60
CA GLY A 92 3.36 4.31 11.85
C GLY A 92 4.76 4.02 12.31
N VAL A 93 5.67 3.92 11.34
CA VAL A 93 7.07 3.68 11.58
C VAL A 93 7.85 4.67 10.71
N LYS A 94 8.48 5.63 11.41
CA LYS A 94 9.07 6.77 10.72
C LYS A 94 10.54 6.48 10.44
N VAL A 95 10.80 5.93 9.25
CA VAL A 95 12.16 5.67 8.75
C VAL A 95 12.69 6.79 7.83
N LEU A 96 11.81 7.71 7.46
CA LEU A 96 12.15 8.82 6.56
C LEU A 96 11.95 10.11 7.31
N ASP A 97 12.90 11.03 7.11
CA ASP A 97 12.83 12.33 7.75
C ASP A 97 11.78 13.18 7.06
N ASP A 98 11.66 14.43 7.46
CA ASP A 98 10.56 15.24 7.00
C ASP A 98 10.80 15.77 5.59
N ASN A 99 11.98 15.49 5.04
CA ASN A 99 12.22 15.74 3.62
C ASN A 99 12.00 14.51 2.76
N GLY A 100 11.67 13.39 3.40
CA GLY A 100 11.37 12.16 2.68
C GLY A 100 12.62 11.33 2.43
N SER A 101 13.69 11.67 3.14
CA SER A 101 14.99 10.99 3.00
C SER A 101 15.24 10.01 4.12
N GLY A 102 16.01 8.95 3.86
CA GLY A 102 16.41 8.03 4.90
C GLY A 102 17.53 7.14 4.41
N GLN A 103 18.45 6.81 5.29
CA GLN A 103 19.50 5.88 4.96
C GLN A 103 18.95 4.44 4.91
N TYR A 104 19.51 3.61 4.05
CA TYR A 104 19.09 2.24 3.97
C TYR A 104 19.26 1.52 5.31
N SER A 105 20.25 1.88 6.13
CA SER A 105 20.40 1.17 7.39
C SER A 105 19.15 1.38 8.27
N THR A 106 18.60 2.60 8.23
CA THR A 106 17.44 2.96 9.03
C THR A 106 16.21 2.22 8.51
N ILE A 107 16.09 2.18 7.19
CA ILE A 107 14.98 1.49 6.55
C ILE A 107 14.99 0.00 6.92
N ILE A 108 16.17 -0.60 6.90
CA ILE A 108 16.31 -2.00 7.26
C ILE A 108 15.92 -2.20 8.71
N ALA A 109 16.41 -1.36 9.61
CA ALA A 109 16.02 -1.45 11.02
C ALA A 109 14.48 -1.38 11.16
N GLY A 110 13.87 -0.49 10.40
CA GLY A 110 12.43 -0.32 10.50
C GLY A 110 11.66 -1.57 10.08
N MET A 111 12.17 -2.25 9.07
CA MET A 111 11.56 -3.50 8.61
C MET A 111 11.70 -4.60 9.67
N ASP A 112 12.88 -4.78 10.21
CA ASP A 112 13.08 -5.78 11.25
C ASP A 112 12.28 -5.39 12.50
N PHE A 113 12.15 -4.08 12.74
CA PHE A 113 11.29 -3.63 13.82
C PHE A 113 9.84 -4.14 13.68
N VAL A 114 9.23 -4.01 12.52
CA VAL A 114 7.84 -4.45 12.33
C VAL A 114 7.76 -5.93 12.52
N ALA A 115 8.75 -6.66 12.03
CA ALA A 115 8.71 -8.12 12.16
C ALA A 115 8.59 -8.53 13.62
N SER A 116 9.27 -7.81 14.49
CA SER A 116 9.19 -8.09 15.92
C SER A 116 7.96 -7.45 16.56
N ASP A 117 7.78 -6.15 16.27
CA ASP A 117 6.76 -5.37 16.93
C ASP A 117 5.34 -5.97 16.74
N LYS A 118 5.08 -6.67 15.66
CA LYS A 118 3.74 -7.23 15.48
C LYS A 118 3.38 -8.15 16.66
N ASN A 119 4.40 -8.67 17.32
CA ASN A 119 4.18 -9.51 18.49
C ASN A 119 3.78 -8.75 19.73
N ASN A 120 3.79 -7.42 19.60
CA ASN A 120 3.31 -6.55 20.67
C ASN A 120 1.91 -6.02 20.37
N ARG A 121 1.37 -6.37 19.20
CA ARG A 121 0.08 -5.79 18.78
C ARG A 121 -1.00 -6.86 18.63
N ASN A 122 -2.26 -6.46 18.71
CA ASN A 122 -3.35 -7.39 18.49
C ASN A 122 -3.88 -7.32 17.05
N CYS A 123 -3.55 -8.34 16.27
CA CYS A 123 -3.85 -8.37 14.87
C CYS A 123 -4.33 -9.76 14.44
N PRO A 124 -5.42 -10.24 15.05
CA PRO A 124 -5.84 -11.63 14.84
C PRO A 124 -6.06 -11.98 13.39
N LYS A 125 -6.46 -10.99 12.59
CA LYS A 125 -6.77 -11.26 11.18
C LYS A 125 -5.54 -11.13 10.27
N GLY A 126 -4.43 -10.67 10.84
CA GLY A 126 -3.14 -10.64 10.14
C GLY A 126 -2.55 -9.25 10.01
N VAL A 127 -1.33 -9.24 9.49
CA VAL A 127 -0.47 -8.07 9.50
C VAL A 127 0.07 -7.78 8.12
N VAL A 128 0.01 -6.49 7.74
CA VAL A 128 0.50 -6.03 6.44
C VAL A 128 1.53 -4.92 6.70
N ALA A 129 2.53 -4.78 5.81
CA ALA A 129 3.39 -3.61 5.85
C ALA A 129 3.38 -2.97 4.47
N SER A 130 3.29 -1.66 4.47
CA SER A 130 3.24 -0.89 3.25
C SER A 130 4.49 -0.01 3.18
N LEU A 131 5.29 -0.26 2.14
CA LEU A 131 6.58 0.43 1.95
C LEU A 131 6.57 1.21 0.65
N SER A 132 6.16 2.46 0.76
CA SER A 132 6.16 3.38 -0.37
C SER A 132 7.48 4.16 -0.41
N LEU A 133 8.55 3.43 -0.69
CA LEU A 133 9.87 3.99 -0.68
C LEU A 133 10.82 3.03 -1.37
N GLY A 134 12.00 3.54 -1.71
CA GLY A 134 13.02 2.71 -2.29
C GLY A 134 14.17 3.52 -2.84
N GLY A 135 15.15 2.81 -3.37
CA GLY A 135 16.33 3.41 -3.98
C GLY A 135 17.00 2.37 -4.86
N GLY A 136 18.28 2.57 -5.13
CA GLY A 136 19.02 1.65 -6.00
C GLY A 136 19.10 0.28 -5.38
N TYR A 137 19.45 -0.71 -6.20
CA TYR A 137 19.51 -2.08 -5.70
C TYR A 137 20.46 -2.22 -4.50
N SER A 138 19.97 -2.95 -3.51
CA SER A 138 20.73 -3.30 -2.31
C SER A 138 20.30 -4.68 -1.82
N SER A 139 21.21 -5.65 -1.80
CA SER A 139 20.78 -6.99 -1.42
C SER A 139 20.36 -6.98 0.04
N SER A 140 20.96 -6.10 0.85
CA SER A 140 20.64 -6.06 2.27
C SER A 140 19.21 -5.54 2.46
N VAL A 141 18.85 -4.51 1.70
CA VAL A 141 17.47 -3.99 1.75
C VAL A 141 16.47 -5.06 1.30
N ASN A 142 16.81 -5.78 0.24
CA ASN A 142 15.90 -6.85 -0.24
C ASN A 142 15.79 -7.93 0.82
N SER A 143 16.91 -8.26 1.46
CA SER A 143 16.92 -9.31 2.49
CA SER A 143 16.89 -9.32 2.47
C SER A 143 16.02 -8.92 3.66
N ALA A 144 16.10 -7.65 4.04
CA ALA A 144 15.28 -7.16 5.13
C ALA A 144 13.81 -7.32 4.79
N ALA A 145 13.47 -6.99 3.55
CA ALA A 145 12.07 -7.08 3.12
C ALA A 145 11.61 -8.54 3.11
N ALA A 146 12.53 -9.43 2.68
CA ALA A 146 12.22 -10.85 2.63
C ALA A 146 12.06 -11.42 4.03
N ARG A 147 12.88 -10.95 4.98
CA ARG A 147 12.72 -11.38 6.37
C ARG A 147 11.36 -10.98 6.89
N LEU A 148 10.98 -9.73 6.66
CA LEU A 148 9.73 -9.23 7.17
C LEU A 148 8.58 -10.10 6.64
N GLN A 149 8.58 -10.34 5.33
CA GLN A 149 7.60 -11.21 4.70
C GLN A 149 7.59 -12.60 5.35
N SER A 150 8.78 -13.20 5.46
CA SER A 150 8.90 -14.53 6.02
C SER A 150 8.33 -14.59 7.44
N SER A 151 8.46 -13.49 8.17
CA SER A 151 8.03 -13.48 9.56
C SER A 151 6.52 -13.51 9.73
N GLY A 152 5.78 -13.43 8.64
CA GLY A 152 4.31 -13.44 8.70
C GLY A 152 3.60 -12.12 8.42
N VAL A 153 4.22 -11.30 7.58
CA VAL A 153 3.70 -9.97 7.24
C VAL A 153 3.58 -9.87 5.72
N MET A 154 2.44 -9.39 5.25
CA MET A 154 2.26 -9.20 3.81
CA MET A 154 2.22 -9.19 3.83
CA MET A 154 2.25 -9.20 3.81
C MET A 154 2.95 -7.92 3.44
N VAL A 155 4.11 -8.06 2.82
CA VAL A 155 4.89 -6.86 2.54
C VAL A 155 4.57 -6.37 1.13
N ALA A 156 4.06 -5.15 1.03
CA ALA A 156 3.79 -4.54 -0.24
C ALA A 156 4.75 -3.36 -0.43
N VAL A 157 5.40 -3.31 -1.61
CA VAL A 157 6.40 -2.31 -1.86
C VAL A 157 6.21 -1.65 -3.20
N ALA A 158 6.55 -0.37 -3.26
CA ALA A 158 6.38 0.39 -4.48
C ALA A 158 7.43 -0.01 -5.51
N ALA A 159 7.02 -0.06 -6.78
CA ALA A 159 7.93 -0.41 -7.85
C ALA A 159 8.99 0.65 -8.14
N GLY A 160 8.66 1.91 -7.88
CA GLY A 160 9.52 3.03 -8.24
C GLY A 160 8.96 3.85 -9.38
N ASN A 161 9.46 5.06 -9.53
CA ASN A 161 8.85 6.05 -10.39
C ASN A 161 9.81 6.54 -11.49
N ASN A 162 10.63 5.64 -12.01
CA ASN A 162 11.67 5.96 -12.97
CA ASN A 162 11.61 6.05 -13.00
C ASN A 162 11.32 5.56 -14.40
N ASN A 163 10.11 5.06 -14.63
CA ASN A 163 9.76 4.48 -15.94
C ASN A 163 10.88 3.57 -16.40
N ALA A 164 11.27 2.66 -15.50
CA ALA A 164 12.35 1.74 -15.74
C ALA A 164 12.04 0.39 -15.16
N ASP A 165 12.91 -0.58 -15.43
CA ASP A 165 12.74 -1.92 -14.91
C ASP A 165 13.07 -1.92 -13.42
N ALA A 166 12.09 -2.36 -12.63
CA ALA A 166 12.20 -2.35 -11.18
C ALA A 166 13.27 -3.30 -10.67
N ARG A 167 13.80 -4.15 -11.53
CA ARG A 167 14.84 -5.07 -11.10
C ARG A 167 16.04 -4.33 -10.51
N ASN A 168 16.19 -3.05 -10.82
CA ASN A 168 17.33 -2.30 -10.36
C ASN A 168 17.06 -1.43 -9.16
N TYR A 169 15.95 -1.66 -8.48
CA TYR A 169 15.61 -0.86 -7.29
C TYR A 169 15.26 -1.80 -6.13
N SER A 170 15.42 -1.27 -4.93
CA SER A 170 15.15 -2.04 -3.73
C SER A 170 14.27 -1.21 -2.81
N PRO A 171 13.35 -1.87 -2.10
CA PRO A 171 13.08 -3.30 -2.07
C PRO A 171 12.22 -3.82 -3.22
N ALA A 172 11.93 -2.99 -4.21
CA ALA A 172 11.07 -3.41 -5.32
C ALA A 172 11.50 -4.73 -5.93
N SER A 173 12.81 -4.91 -6.07
CA SER A 173 13.35 -6.09 -6.77
C SER A 173 13.42 -7.37 -5.94
N GLU A 174 12.89 -7.35 -4.72
CA GLU A 174 12.93 -8.57 -3.92
C GLU A 174 11.79 -9.47 -4.37
N PRO A 175 12.10 -10.70 -4.80
CA PRO A 175 11.06 -11.52 -5.38
C PRO A 175 9.95 -11.93 -4.42
N SER A 176 10.27 -12.06 -3.12
CA SER A 176 9.34 -12.65 -2.17
C SER A 176 8.29 -11.68 -1.64
N VAL A 177 8.43 -10.39 -1.92
CA VAL A 177 7.44 -9.42 -1.47
C VAL A 177 6.56 -8.99 -2.65
N CYS A 178 5.56 -8.14 -2.39
CA CYS A 178 4.57 -7.82 -3.43
C CYS A 178 4.91 -6.48 -4.04
N THR A 179 5.42 -6.48 -5.27
CA THR A 179 5.90 -5.27 -5.91
C THR A 179 4.81 -4.64 -6.78
N VAL A 180 4.49 -3.38 -6.47
CA VAL A 180 3.28 -2.73 -6.95
C VAL A 180 3.57 -1.56 -7.87
N GLY A 181 3.08 -1.69 -9.11
CA GLY A 181 3.14 -0.59 -10.06
C GLY A 181 1.91 0.29 -10.02
N ALA A 182 1.94 1.39 -10.79
CA ALA A 182 0.86 2.37 -10.73
C ALA A 182 0.09 2.49 -12.03
N SER A 183 -1.23 2.63 -11.94
CA SER A 183 -2.08 2.94 -13.09
C SER A 183 -2.86 4.24 -12.93
N ASP A 184 -3.43 4.75 -14.03
CA ASP A 184 -4.26 5.96 -13.96
C ASP A 184 -5.75 5.62 -14.24
N ARG A 185 -6.61 6.62 -14.13
CA ARG A 185 -8.05 6.39 -14.09
CA ARG A 185 -8.04 6.35 -14.08
C ARG A 185 -8.59 5.89 -15.43
N TYR A 186 -7.74 5.91 -16.45
CA TYR A 186 -8.13 5.45 -17.79
C TYR A 186 -7.47 4.10 -18.08
N ASP A 187 -6.99 3.47 -17.01
CA ASP A 187 -6.42 2.12 -17.11
C ASP A 187 -5.20 2.10 -18.00
N ARG A 188 -4.43 3.21 -17.94
CA ARG A 188 -3.07 3.24 -18.49
C ARG A 188 -2.06 3.01 -17.37
N ARG A 189 -0.97 2.27 -17.67
CA ARG A 189 0.18 2.36 -16.77
C ARG A 189 0.53 3.83 -16.57
N SER A 190 0.72 4.25 -15.32
CA SER A 190 1.13 5.63 -15.06
C SER A 190 2.47 5.83 -15.73
N SER A 191 2.70 7.00 -16.30
CA SER A 191 3.82 7.17 -17.20
C SER A 191 5.16 7.07 -16.47
N PHE A 192 5.15 7.30 -15.15
CA PHE A 192 6.35 7.21 -14.34
C PHE A 192 6.58 5.82 -13.73
N SER A 193 5.61 4.93 -13.85
CA SER A 193 5.65 3.69 -13.08
C SER A 193 6.76 2.81 -13.62
N ASN A 194 7.61 2.32 -12.73
CA ASN A 194 8.46 1.21 -13.12
C ASN A 194 7.63 -0.02 -13.55
N TYR A 195 8.32 -0.95 -14.19
CA TYR A 195 7.72 -2.13 -14.76
C TYR A 195 8.76 -3.25 -14.67
N GLY A 196 8.44 -4.39 -15.27
CA GLY A 196 9.38 -5.50 -15.32
C GLY A 196 8.82 -6.80 -14.80
N SER A 197 9.57 -7.88 -14.98
CA SER A 197 9.15 -9.20 -14.52
CA SER A 197 9.13 -9.20 -14.53
C SER A 197 8.94 -9.26 -13.01
N VAL A 198 9.59 -8.37 -12.28
CA VAL A 198 9.50 -8.43 -10.82
C VAL A 198 8.20 -7.79 -10.30
N LEU A 199 7.49 -7.03 -11.13
CA LEU A 199 6.18 -6.54 -10.71
C LEU A 199 5.20 -7.67 -10.47
N ASP A 200 4.37 -7.52 -9.43
CA ASP A 200 3.35 -8.52 -9.12
C ASP A 200 1.95 -8.06 -9.48
N ILE A 201 1.73 -6.75 -9.47
CA ILE A 201 0.39 -6.21 -9.47
C ILE A 201 0.46 -4.71 -9.70
N PHE A 202 -0.60 -4.13 -10.28
CA PHE A 202 -0.72 -2.67 -10.36
C PHE A 202 -1.87 -2.23 -9.47
N GLY A 203 -1.76 -1.01 -8.98
CA GLY A 203 -2.87 -0.35 -8.34
C GLY A 203 -2.94 1.12 -8.74
N PRO A 204 -4.05 1.77 -8.39
CA PRO A 204 -4.20 3.18 -8.74
C PRO A 204 -3.08 4.03 -8.18
N GLY A 205 -2.43 4.84 -9.02
CA GLY A 205 -1.31 5.64 -8.58
C GLY A 205 -1.27 7.05 -9.11
N THR A 206 -2.09 7.36 -10.09
CA THR A 206 -2.12 8.74 -10.62
C THR A 206 -3.31 9.53 -10.12
N ASP A 207 -3.03 10.69 -9.51
CA ASP A 207 -4.07 11.57 -9.02
C ASP A 207 -4.94 10.90 -7.95
N ILE A 208 -4.28 10.53 -6.86
CA ILE A 208 -4.93 9.83 -5.76
C ILE A 208 -5.17 10.78 -4.57
N LEU A 209 -6.44 11.01 -4.25
CA LEU A 209 -6.83 11.87 -3.13
C LEU A 209 -6.74 11.11 -1.82
N SER A 210 -6.12 11.73 -0.83
CA SER A 210 -6.04 11.10 0.46
C SER A 210 -5.73 12.15 1.51
N THR A 211 -5.53 11.70 2.74
CA THR A 211 -5.17 12.56 3.85
C THR A 211 -3.81 13.24 3.69
N TRP A 212 -3.69 14.40 4.33
CA TRP A 212 -2.44 15.13 4.41
C TRP A 212 -2.28 15.76 5.80
N ILE A 213 -1.08 16.23 6.09
CA ILE A 213 -0.84 16.79 7.41
C ILE A 213 -1.57 18.13 7.56
N GLY A 214 -1.71 18.54 8.82
CA GLY A 214 -2.56 19.69 9.14
C GLY A 214 -4.04 19.36 8.99
N GLY A 215 -4.42 18.08 9.10
CA GLY A 215 -5.85 17.74 9.06
C GLY A 215 -6.46 18.07 7.69
N SER A 216 -5.66 17.93 6.64
CA SER A 216 -6.06 18.35 5.29
CA SER A 216 -6.05 18.35 5.30
C SER A 216 -6.13 17.14 4.36
N THR A 217 -6.29 17.40 3.07
CA THR A 217 -6.31 16.36 2.06
C THR A 217 -5.67 16.94 0.80
N ARG A 218 -5.09 16.05 -0.02
CA ARG A 218 -4.67 16.44 -1.35
C ARG A 218 -4.48 15.22 -2.24
N SER A 219 -4.36 15.50 -3.54
CA SER A 219 -4.20 14.47 -4.55
C SER A 219 -2.74 14.54 -5.06
N ILE A 220 -2.05 13.41 -4.99
CA ILE A 220 -0.70 13.29 -5.52
C ILE A 220 -0.56 11.97 -6.25
N SER A 221 0.58 11.77 -6.91
CA SER A 221 0.79 10.63 -7.81
C SER A 221 2.08 9.92 -7.51
N GLY A 222 2.08 8.60 -7.68
CA GLY A 222 3.26 7.79 -7.57
C GLY A 222 3.00 6.32 -7.32
N THR A 223 3.99 5.47 -7.52
CA THR A 223 3.85 4.09 -7.09
C THR A 223 3.69 4.04 -5.58
N SER A 224 4.08 5.11 -4.90
CA SER A 224 3.82 5.24 -3.45
C SER A 224 2.33 5.26 -3.12
N MET A 225 1.51 5.69 -4.08
CA MET A 225 0.07 5.78 -3.89
C MET A 225 -0.63 4.44 -4.27
N ALA A 226 -0.04 3.72 -5.20
CA ALA A 226 -0.59 2.44 -5.62
C ALA A 226 -0.37 1.42 -4.51
N THR A 227 0.83 1.46 -3.91
CA THR A 227 1.21 0.48 -2.90
C THR A 227 0.21 0.35 -1.76
N PRO A 228 -0.23 1.46 -1.18
CA PRO A 228 -1.19 1.28 -0.08
C PRO A 228 -2.60 0.81 -0.49
N HIS A 229 -2.96 0.98 -1.76
CA HIS A 229 -4.17 0.37 -2.25
C HIS A 229 -4.04 -1.12 -2.06
N VAL A 230 -2.91 -1.65 -2.49
CA VAL A 230 -2.69 -3.09 -2.38
C VAL A 230 -2.55 -3.55 -0.92
N ALA A 231 -1.84 -2.78 -0.12
CA ALA A 231 -1.73 -3.11 1.28
C ALA A 231 -3.10 -3.13 1.98
N GLY A 232 -3.90 -2.11 1.76
CA GLY A 232 -5.23 -2.06 2.35
C GLY A 232 -6.09 -3.21 1.82
N LEU A 233 -5.91 -3.53 0.54
CA LEU A 233 -6.67 -4.63 -0.05
C LEU A 233 -6.30 -5.96 0.62
N ALA A 234 -5.01 -6.16 0.85
CA ALA A 234 -4.60 -7.38 1.53
C ALA A 234 -5.23 -7.47 2.92
N ALA A 235 -5.20 -6.37 3.67
CA ALA A 235 -5.75 -6.37 5.03
C ALA A 235 -7.23 -6.73 4.97
N TYR A 236 -7.90 -6.11 4.01
CA TYR A 236 -9.34 -6.35 3.79
C TYR A 236 -9.62 -7.82 3.49
N LEU A 237 -8.84 -8.40 2.59
CA LEU A 237 -9.03 -9.82 2.25
C LEU A 237 -8.62 -10.78 3.35
N MET A 238 -7.60 -10.40 4.08
CA MET A 238 -7.20 -11.18 5.25
C MET A 238 -8.32 -11.19 6.33
N THR A 239 -8.95 -10.05 6.56
CA THR A 239 -10.03 -10.01 7.53
C THR A 239 -11.18 -10.91 7.11
N LEU A 240 -11.41 -11.02 5.81
CA LEU A 240 -12.50 -11.86 5.30
C LEU A 240 -12.11 -13.33 5.30
N GLY A 241 -10.84 -13.64 5.55
CA GLY A 241 -10.37 -15.01 5.59
C GLY A 241 -10.08 -15.62 4.23
N LYS A 242 -9.98 -14.78 3.19
CA LYS A 242 -9.80 -15.25 1.83
C LYS A 242 -8.35 -15.66 1.57
N THR A 243 -7.46 -15.12 2.38
CA THR A 243 -6.05 -15.33 2.18
C THR A 243 -5.26 -15.00 3.44
N THR A 244 -3.95 -15.20 3.37
CA THR A 244 -3.08 -15.01 4.52
C THR A 244 -1.91 -14.14 4.13
N ALA A 245 -1.09 -13.77 5.10
CA ALA A 245 0.03 -12.92 4.79
C ALA A 245 0.96 -13.55 3.76
N ALA A 246 1.15 -14.86 3.88
CA ALA A 246 2.14 -15.54 3.06
C ALA A 246 1.65 -15.61 1.60
N SER A 247 0.32 -15.63 1.42
CA SER A 247 -0.30 -15.97 0.15
CA SER A 247 -0.24 -15.94 0.11
C SER A 247 -1.02 -14.79 -0.50
N ALA A 248 -1.12 -13.68 0.22
CA ALA A 248 -1.97 -12.58 -0.24
C ALA A 248 -1.56 -11.96 -1.56
N CYS A 249 -0.27 -11.81 -1.80
CA CYS A 249 0.17 -11.22 -3.07
C CYS A 249 -0.27 -12.13 -4.22
N ARG A 250 -0.01 -13.43 -4.09
CA ARG A 250 -0.45 -14.40 -5.10
C ARG A 250 -1.96 -14.35 -5.29
N TYR A 251 -2.67 -14.26 -4.18
CA TYR A 251 -4.13 -14.28 -4.24
C TYR A 251 -4.65 -13.03 -4.98
N ILE A 252 -4.05 -11.88 -4.67
CA ILE A 252 -4.43 -10.64 -5.33
C ILE A 252 -4.12 -10.73 -6.83
N ALA A 253 -3.01 -11.36 -7.19
CA ALA A 253 -2.69 -11.46 -8.62
C ALA A 253 -3.68 -12.41 -9.29
N ASP A 254 -3.97 -13.51 -8.59
CA ASP A 254 -4.93 -14.49 -9.10
C ASP A 254 -6.31 -13.91 -9.39
N THR A 255 -6.77 -13.02 -8.50
CA THR A 255 -8.12 -12.49 -8.55
C THR A 255 -8.21 -11.10 -9.22
N ALA A 256 -7.07 -10.63 -9.72
CA ALA A 256 -6.95 -9.31 -10.35
C ALA A 256 -7.81 -9.22 -11.61
N ASN A 257 -8.12 -7.99 -12.03
CA ASN A 257 -8.53 -7.75 -13.40
C ASN A 257 -7.33 -7.91 -14.30
N LYS A 258 -7.53 -8.68 -15.37
CA LYS A 258 -6.43 -9.12 -16.21
C LYS A 258 -6.60 -8.61 -17.61
N GLY A 259 -5.53 -8.06 -18.15
CA GLY A 259 -5.53 -7.63 -19.54
C GLY A 259 -6.14 -6.27 -19.79
N ASP A 260 -6.44 -5.52 -18.73
CA ASP A 260 -7.23 -4.29 -18.88
C ASP A 260 -6.40 -3.01 -19.02
N LEU A 261 -5.13 -3.09 -18.65
CA LEU A 261 -4.27 -1.93 -18.68
C LEU A 261 -3.61 -1.80 -20.03
N SER A 262 -3.36 -0.55 -20.38
CA SER A 262 -2.60 -0.21 -21.58
CA SER A 262 -2.57 -0.25 -21.57
C SER A 262 -1.19 0.28 -21.20
N ASN A 263 -0.31 0.34 -22.20
CA ASN A 263 1.10 0.68 -22.04
C ASN A 263 1.80 -0.16 -21.00
N ILE A 264 1.48 -1.44 -20.98
CA ILE A 264 2.23 -2.42 -20.22
C ILE A 264 3.30 -3.09 -21.12
N PRO A 265 4.57 -2.89 -20.77
CA PRO A 265 5.62 -3.48 -21.62
C PRO A 265 5.53 -5.00 -21.71
N PHE A 266 5.95 -5.55 -22.84
CA PHE A 266 5.98 -6.97 -22.99
C PHE A 266 6.78 -7.55 -21.83
N GLY A 267 6.21 -8.54 -21.15
CA GLY A 267 6.92 -9.24 -20.08
C GLY A 267 6.56 -8.75 -18.69
N THR A 268 5.80 -7.68 -18.60
CA THR A 268 5.27 -7.21 -17.33
C THR A 268 3.81 -7.66 -17.16
N VAL A 269 3.44 -8.06 -15.94
CA VAL A 269 2.07 -8.53 -15.70
C VAL A 269 1.06 -7.43 -16.04
N ASN A 270 -0.06 -7.84 -16.62
CA ASN A 270 -1.16 -6.93 -16.85
C ASN A 270 -2.29 -7.28 -15.88
N LEU A 271 -2.06 -6.91 -14.63
CA LEU A 271 -2.92 -7.27 -13.53
C LEU A 271 -3.20 -6.04 -12.65
N LEU A 272 -4.48 -5.76 -12.42
CA LEU A 272 -4.95 -4.60 -11.66
C LEU A 272 -5.73 -5.07 -10.44
N ALA A 273 -5.29 -4.65 -9.27
CA ALA A 273 -5.85 -5.10 -8.01
C ALA A 273 -7.37 -4.93 -8.02
N TYR A 274 -8.06 -5.94 -7.48
CA TYR A 274 -9.52 -5.97 -7.52
C TYR A 274 -10.02 -6.77 -6.33
N ASN A 275 -11.10 -6.32 -5.68
CA ASN A 275 -11.51 -6.96 -4.44
C ASN A 275 -12.56 -8.03 -4.62
N ASN A 276 -13.03 -8.19 -5.85
CA ASN A 276 -13.94 -9.26 -6.16
CA ASN A 276 -14.00 -9.21 -6.21
C ASN A 276 -15.20 -9.20 -5.30
N TYR A 277 -15.53 -8.03 -4.79
CA TYR A 277 -16.71 -7.91 -3.95
C TYR A 277 -17.95 -7.89 -4.80
N GLN A 278 -18.87 -8.77 -4.46
CA GLN A 278 -20.15 -8.80 -5.07
C GLN A 278 -21.19 -8.49 -3.99
N ALA A 279 -21.82 -7.34 -4.10
CA ALA A 279 -22.79 -6.95 -3.10
C ALA A 279 -23.96 -7.91 -3.15
#